data_6ALR
#
_entry.id   6ALR
#
_cell.length_a   80.586
_cell.length_b   67.053
_cell.length_c   62.840
_cell.angle_alpha   90.000
_cell.angle_beta   109.150
_cell.angle_gamma   90.000
#
_symmetry.space_group_name_H-M   'C 1 2 1'
#
loop_
_entity.id
_entity.type
_entity.pdbx_description
1 polymer 'Alpha-ketoglutarate-dependent L-arginine hydroxylase'
2 non-polymer 'SUCCINIC ACID'
3 non-polymer ARGININE
4 non-polymer oxovanadium(2+)
5 water water
#
_entity_poly.entity_id   1
_entity_poly.type   'polypeptide(L)'
_entity_poly.pdbx_seq_one_letter_code
;MGSSHHHHHHSSGLVPRGSHMASMTGGQQMGRGSEFMTESPTTHHGAAPPDSVATPVRPWSEFRLTPAEAAAAAALAARC
AQRYDETDGPEFLLDAPVIAHELPRRLRTFMARARLDAWPHALVVRGNPVDDAALGSTPVHWRTARTPGSRPLSFLLMLY
AGLLGDVFGWATQQDGRVVTDVLPIKGGEHTLVSSSSRQELGWHTEDAFSPYRADYVGLLSLRNPDGVATTLAGVPLDDL
DERTLDVLFQERFLIRPDDSHLQVNNSTAQQGRVEFEGIAQAADRPEPVAILTGHRAAPHLRVDGDFSAPAEGDEEAAAA
LGTLRKLIDASLYELVLDQGDVAFIDNRRAVHGRRAFQPRYDGRDRWLKRINITRDLHRSRKAWAGDSRVLGQR
;
_entity_poly.pdbx_strand_id   A
#
loop_
_chem_comp.id
_chem_comp.type
_chem_comp.name
_chem_comp.formula
SIN non-polymer 'SUCCINIC ACID' 'C4 H6 O4'
VVO non-polymer oxovanadium(2+) 'O V 2'
#
# COMPACT_ATOMS: atom_id res chain seq x y z
N ARG A 58 10.14 -9.09 16.84
CA ARG A 58 9.53 -8.03 15.98
C ARG A 58 8.06 -8.33 15.68
N PRO A 59 7.24 -7.27 15.53
CA PRO A 59 5.81 -7.45 15.18
C PRO A 59 5.55 -7.75 13.70
N TRP A 60 6.61 -7.83 12.89
CA TRP A 60 6.51 -8.31 11.51
C TRP A 60 7.38 -9.56 11.32
N SER A 61 7.13 -10.28 10.23
CA SER A 61 7.92 -11.45 9.87
C SER A 61 8.99 -11.05 8.86
N GLU A 62 10.24 -11.41 9.13
CA GLU A 62 11.37 -10.97 8.32
C GLU A 62 12.12 -12.12 7.65
N PHE A 63 12.56 -11.88 6.41
CA PHE A 63 13.34 -12.83 5.63
C PHE A 63 14.50 -12.05 5.01
N ARG A 64 15.71 -12.60 5.08
CA ARG A 64 16.86 -11.99 4.41
C ARG A 64 17.39 -12.93 3.35
N LEU A 65 17.36 -12.46 2.11
CA LEU A 65 17.92 -13.18 0.97
C LEU A 65 19.42 -13.33 1.14
N THR A 66 19.95 -14.50 0.78
CA THR A 66 21.39 -14.64 0.61
C THR A 66 21.76 -13.88 -0.66
N PRO A 67 23.02 -13.45 -0.79
CA PRO A 67 23.42 -12.80 -2.04
C PRO A 67 23.11 -13.62 -3.29
N ALA A 68 23.26 -14.94 -3.21
CA ALA A 68 22.96 -15.84 -4.33
C ALA A 68 21.47 -15.83 -4.66
N GLU A 69 20.63 -15.91 -3.63
CA GLU A 69 19.17 -15.86 -3.81
C GLU A 69 18.74 -14.53 -4.41
N ALA A 70 19.29 -13.44 -3.87
CA ALA A 70 18.97 -12.10 -4.34
C ALA A 70 19.36 -11.92 -5.82
N ALA A 71 20.55 -12.40 -6.17
CA ALA A 71 21.01 -12.36 -7.57
C ALA A 71 20.10 -13.18 -8.50
N ALA A 72 19.63 -14.33 -8.04
CA ALA A 72 18.75 -15.18 -8.84
C ALA A 72 17.40 -14.49 -9.07
N ALA A 73 16.84 -13.92 -8.01
CA ALA A 73 15.59 -13.17 -8.12
C ALA A 73 15.75 -11.98 -9.06
N ALA A 74 16.86 -11.26 -8.93
CA ALA A 74 17.15 -10.12 -9.81
C ALA A 74 17.27 -10.56 -11.26
N ALA A 75 17.95 -11.67 -11.50
CA ALA A 75 18.11 -12.21 -12.85
C ALA A 75 16.77 -12.58 -13.47
N LEU A 76 15.87 -13.15 -12.68
CA LEU A 76 14.53 -13.49 -13.13
C LEU A 76 13.74 -12.25 -13.52
N ALA A 77 13.79 -11.21 -12.67
CA ALA A 77 13.12 -9.95 -12.97
C ALA A 77 13.68 -9.31 -14.24
N ALA A 78 15.00 -9.36 -14.40
CA ALA A 78 15.65 -8.81 -15.60
C ALA A 78 15.21 -9.55 -16.86
N ARG A 79 15.10 -10.86 -16.78
CA ARG A 79 14.59 -11.67 -17.90
C ARG A 79 13.16 -11.24 -18.27
N CYS A 80 12.32 -11.06 -17.26
CA CYS A 80 10.95 -10.58 -17.49
C CYS A 80 10.94 -9.21 -18.15
N ALA A 81 11.82 -8.33 -17.69
CA ALA A 81 11.93 -6.98 -18.23
C ALA A 81 12.34 -6.99 -19.71
N GLN A 82 13.13 -8.00 -20.10
CA GLN A 82 13.52 -8.19 -21.51
C GLN A 82 12.38 -8.71 -22.38
N ARG A 83 11.58 -9.61 -21.81
CA ARG A 83 10.56 -10.34 -22.58
C ARG A 83 9.19 -9.64 -22.65
N TYR A 84 8.87 -8.81 -21.66
CA TYR A 84 7.57 -8.14 -21.61
C TYR A 84 7.74 -6.63 -21.82
N ASP A 85 6.74 -5.99 -22.43
CA ASP A 85 6.78 -4.56 -22.71
C ASP A 85 6.60 -3.71 -21.45
N GLU A 86 5.69 -4.10 -20.56
CA GLU A 86 5.47 -3.38 -19.31
C GLU A 86 4.92 -4.31 -18.21
N THR A 87 5.05 -3.86 -16.97
CA THR A 87 4.57 -4.63 -15.82
C THR A 87 3.05 -4.71 -15.79
N ASP A 88 2.40 -3.61 -16.14
CA ASP A 88 0.95 -3.50 -16.06
C ASP A 88 0.24 -3.99 -17.30
N GLY A 89 0.99 -4.46 -18.28
CA GLY A 89 0.40 -5.02 -19.49
C GLY A 89 -0.36 -6.29 -19.15
N PRO A 90 -1.41 -6.60 -19.94
CA PRO A 90 -2.22 -7.78 -19.64
C PRO A 90 -1.41 -9.08 -19.59
N GLU A 91 -0.40 -9.21 -20.45
CA GLU A 91 0.41 -10.43 -20.51
C GLU A 91 1.18 -10.69 -19.22
N PHE A 92 1.95 -9.71 -18.75
CA PHE A 92 2.71 -9.92 -17.52
C PHE A 92 1.82 -10.03 -16.29
N LEU A 93 0.70 -9.32 -16.26
CA LEU A 93 -0.25 -9.44 -15.16
C LEU A 93 -0.70 -10.90 -15.01
N LEU A 94 -1.04 -11.54 -16.13
CA LEU A 94 -1.44 -12.95 -16.14
C LEU A 94 -0.29 -13.91 -15.86
N ASP A 95 0.90 -13.62 -16.38
CA ASP A 95 2.02 -14.57 -16.30
C ASP A 95 2.84 -14.50 -15.01
N ALA A 96 2.88 -13.33 -14.37
CA ALA A 96 3.76 -13.12 -13.21
C ALA A 96 3.58 -14.14 -12.09
N PRO A 97 2.33 -14.50 -11.72
CA PRO A 97 2.15 -15.50 -10.66
C PRO A 97 2.77 -16.87 -10.96
N VAL A 98 2.81 -17.25 -12.23
CA VAL A 98 3.42 -18.53 -12.62
C VAL A 98 4.93 -18.38 -12.76
N ILE A 99 5.40 -17.28 -13.34
CA ILE A 99 6.84 -17.02 -13.41
C ILE A 99 7.46 -16.95 -12.02
N ALA A 100 6.71 -16.42 -11.06
CA ALA A 100 7.15 -16.32 -9.67
C ALA A 100 7.47 -17.68 -9.04
N HIS A 101 6.92 -18.75 -9.59
CA HIS A 101 7.25 -20.10 -9.12
C HIS A 101 8.72 -20.44 -9.33
N GLU A 102 9.42 -19.67 -10.17
CA GLU A 102 10.84 -19.88 -10.43
C GLU A 102 11.76 -19.11 -9.47
N LEU A 103 11.18 -18.31 -8.57
CA LEU A 103 11.96 -17.59 -7.56
C LEU A 103 12.66 -18.59 -6.63
N PRO A 104 13.67 -18.14 -5.87
CA PRO A 104 14.34 -19.04 -4.93
C PRO A 104 13.37 -19.77 -3.99
N ARG A 105 13.55 -21.08 -3.83
CA ARG A 105 12.62 -21.92 -3.07
C ARG A 105 12.44 -21.47 -1.62
N ARG A 106 13.54 -21.06 -0.98
CA ARG A 106 13.48 -20.65 0.43
C ARG A 106 12.59 -19.42 0.59
N LEU A 107 12.64 -18.53 -0.39
CA LEU A 107 11.76 -17.35 -0.41
C LEU A 107 10.31 -17.75 -0.63
N ARG A 108 10.06 -18.66 -1.57
CA ARG A 108 8.70 -19.14 -1.82
C ARG A 108 8.09 -19.80 -0.58
N THR A 109 8.90 -20.58 0.13
CA THR A 109 8.48 -21.19 1.38
C THR A 109 8.15 -20.12 2.42
N PHE A 110 8.99 -19.10 2.54
CA PHE A 110 8.73 -18.01 3.49
C PHE A 110 7.40 -17.32 3.20
N MET A 111 7.16 -17.00 1.93
CA MET A 111 5.96 -16.26 1.52
C MET A 111 4.71 -17.11 1.72
N ALA A 112 4.79 -18.40 1.41
CA ALA A 112 3.66 -19.31 1.56
C ALA A 112 3.28 -19.52 3.02
N ARG A 113 4.27 -19.58 3.91
CA ARG A 113 4.03 -19.84 5.33
C ARG A 113 3.70 -18.57 6.11
N ALA A 114 4.49 -17.52 5.89
CA ALA A 114 4.34 -16.29 6.65
C ALA A 114 2.98 -15.63 6.39
N ARG A 115 2.45 -15.78 5.18
CA ARG A 115 1.10 -15.27 4.87
C ARG A 115 0.03 -15.94 5.73
N LEU A 116 0.27 -17.20 6.14
CA LEU A 116 -0.72 -17.95 6.92
C LEU A 116 -0.54 -17.82 8.43
N ASP A 117 0.57 -17.24 8.89
CA ASP A 117 0.74 -17.00 10.32
C ASP A 117 -0.33 -16.04 10.84
N ALA A 118 -0.66 -16.16 12.12
CA ALA A 118 -1.75 -15.39 12.73
C ALA A 118 -1.34 -13.98 13.14
N TRP A 119 -0.05 -13.77 13.35
CA TRP A 119 0.44 -12.57 14.08
C TRP A 119 1.06 -11.40 13.30
N PRO A 120 1.81 -11.65 12.21
CA PRO A 120 2.61 -10.52 11.69
C PRO A 120 1.83 -9.37 11.07
N HIS A 121 2.30 -8.14 11.30
CA HIS A 121 1.71 -6.96 10.68
C HIS A 121 2.19 -6.78 9.25
N ALA A 122 3.32 -7.40 8.92
CA ALA A 122 3.88 -7.32 7.58
C ALA A 122 4.84 -8.47 7.33
N LEU A 123 5.10 -8.72 6.04
CA LEU A 123 6.14 -9.65 5.59
C LEU A 123 7.23 -8.80 4.97
N VAL A 124 8.44 -8.88 5.51
CA VAL A 124 9.55 -8.05 5.06
C VAL A 124 10.66 -8.92 4.47
N VAL A 125 11.08 -8.58 3.26
CA VAL A 125 12.15 -9.27 2.55
C VAL A 125 13.31 -8.29 2.37
N ARG A 126 14.45 -8.60 2.98
CA ARG A 126 15.64 -7.76 2.90
C ARG A 126 16.65 -8.34 1.93
N GLY A 127 17.45 -7.47 1.31
CA GLY A 127 18.66 -7.90 0.62
C GLY A 127 18.63 -7.93 -0.90
N ASN A 128 17.70 -7.21 -1.52
CA ASN A 128 17.72 -7.07 -2.98
C ASN A 128 18.73 -6.00 -3.38
N PRO A 129 19.75 -6.36 -4.20
CA PRO A 129 20.72 -5.33 -4.58
C PRO A 129 20.10 -4.23 -5.44
N VAL A 130 20.52 -2.98 -5.22
CA VAL A 130 20.15 -1.84 -6.06
C VAL A 130 21.39 -0.99 -6.30
N ASP A 131 21.73 -0.77 -7.57
CA ASP A 131 22.88 0.03 -7.96
C ASP A 131 22.38 1.44 -8.30
N ASP A 132 22.73 2.43 -7.47
CA ASP A 132 22.24 3.80 -7.66
C ASP A 132 22.64 4.41 -9.00
N ALA A 133 23.82 4.04 -9.51
CA ALA A 133 24.29 4.52 -10.80
C ALA A 133 23.41 4.01 -11.93
N ALA A 134 23.08 2.72 -11.87
CA ALA A 134 22.17 2.11 -12.83
C ALA A 134 20.74 2.61 -12.66
N LEU A 135 20.30 2.78 -11.41
CA LEU A 135 18.94 3.20 -11.12
C LEU A 135 18.65 4.58 -11.72
N GLY A 136 19.59 5.50 -11.58
CA GLY A 136 19.41 6.87 -12.04
C GLY A 136 18.76 7.73 -10.99
N SER A 137 18.54 9.00 -11.32
CA SER A 137 18.03 9.96 -10.35
C SER A 137 16.56 9.69 -10.02
N THR A 138 16.16 10.08 -8.81
CA THR A 138 14.78 9.95 -8.40
C THR A 138 13.94 10.90 -9.24
N PRO A 139 12.86 10.39 -9.86
CA PRO A 139 11.95 11.22 -10.66
C PRO A 139 11.36 12.39 -9.90
N VAL A 140 11.03 13.47 -10.59
CA VAL A 140 10.43 14.65 -9.96
C VAL A 140 8.92 14.48 -9.71
N HIS A 141 8.31 13.48 -10.33
CA HIS A 141 6.88 13.21 -10.24
C HIS A 141 6.68 11.74 -10.56
N TRP A 142 5.58 11.15 -10.08
CA TRP A 142 5.28 9.74 -10.40
C TRP A 142 5.01 9.52 -11.89
N ARG A 143 4.46 10.53 -12.55
CA ARG A 143 4.12 10.47 -13.98
C ARG A 143 5.32 10.02 -14.80
N THR A 144 6.49 10.55 -14.46
CA THR A 144 7.73 10.31 -15.20
C THR A 144 8.62 9.26 -14.53
N ALA A 145 8.05 8.46 -13.62
CA ALA A 145 8.84 7.59 -12.75
C ALA A 145 9.05 6.17 -13.28
N ARG A 146 8.58 5.87 -14.49
CA ARG A 146 8.85 4.57 -15.09
C ARG A 146 10.12 4.66 -15.92
N THR A 147 11.22 4.83 -15.20
CA THR A 147 12.53 5.03 -15.79
C THR A 147 13.15 3.67 -16.09
N PRO A 148 13.99 3.59 -17.14
CA PRO A 148 14.63 2.31 -17.46
C PRO A 148 15.38 1.70 -16.29
N GLY A 149 16.03 2.55 -15.49
CA GLY A 149 16.80 2.08 -14.34
C GLY A 149 15.95 1.42 -13.26
N SER A 150 14.69 1.84 -13.13
CA SER A 150 13.78 1.27 -12.13
C SER A 150 12.95 0.11 -12.67
N ARG A 151 13.04 -0.15 -13.97
CA ARG A 151 12.19 -1.13 -14.64
C ARG A 151 12.36 -2.55 -14.09
N PRO A 152 13.60 -3.07 -14.00
CA PRO A 152 13.76 -4.43 -13.44
C PRO A 152 13.18 -4.58 -12.03
N LEU A 153 13.33 -3.55 -11.20
CA LEU A 153 12.84 -3.60 -9.82
C LEU A 153 11.31 -3.58 -9.74
N SER A 154 10.67 -2.89 -10.68
CA SER A 154 9.20 -2.92 -10.79
C SER A 154 8.72 -4.33 -11.13
N PHE A 155 9.43 -4.99 -12.05
CA PHE A 155 9.12 -6.40 -12.37
C PHE A 155 9.36 -7.31 -11.15
N LEU A 156 10.43 -7.04 -10.41
CA LEU A 156 10.73 -7.81 -9.21
C LEU A 156 9.60 -7.70 -8.18
N LEU A 157 9.14 -6.48 -7.94
CA LEU A 157 8.04 -6.26 -6.99
C LEU A 157 6.81 -7.05 -7.39
N MET A 158 6.49 -7.04 -8.70
CA MET A 158 5.30 -7.75 -9.18
C MET A 158 5.45 -9.26 -9.05
N LEU A 159 6.66 -9.78 -9.28
CA LEU A 159 6.91 -11.21 -9.08
C LEU A 159 6.68 -11.61 -7.62
N TYR A 160 7.27 -10.87 -6.70
CA TYR A 160 7.06 -11.12 -5.27
C TYR A 160 5.58 -11.03 -4.90
N ALA A 161 4.90 -10.00 -5.40
CA ALA A 161 3.48 -9.80 -5.13
C ALA A 161 2.63 -10.95 -5.64
N GLY A 162 3.02 -11.54 -6.77
CA GLY A 162 2.32 -12.70 -7.34
C GLY A 162 2.28 -13.93 -6.45
N LEU A 163 3.24 -14.05 -5.54
CA LEU A 163 3.24 -15.13 -4.54
C LEU A 163 2.18 -14.92 -3.44
N LEU A 164 1.70 -13.68 -3.26
CA LEU A 164 0.73 -13.37 -2.21
C LEU A 164 -0.71 -13.19 -2.69
N GLY A 165 -0.93 -12.91 -3.96
CA GLY A 165 -2.29 -12.71 -4.47
C GLY A 165 -2.40 -12.01 -5.81
N ASP A 166 -3.58 -11.44 -6.05
CA ASP A 166 -3.94 -10.80 -7.31
C ASP A 166 -3.66 -9.29 -7.22
N VAL A 167 -2.74 -8.80 -8.04
CA VAL A 167 -2.43 -7.37 -8.04
C VAL A 167 -3.49 -6.57 -8.79
N PHE A 168 -3.67 -5.31 -8.39
CA PHE A 168 -4.65 -4.44 -9.01
C PHE A 168 -4.31 -2.99 -8.73
N GLY A 169 -4.91 -2.08 -9.49
CA GLY A 169 -4.78 -0.65 -9.25
C GLY A 169 -6.15 0.00 -9.24
N TRP A 170 -6.15 1.33 -9.18
CA TRP A 170 -7.38 2.11 -9.11
C TRP A 170 -7.46 3.04 -10.32
N ALA A 171 -8.63 3.09 -10.95
CA ALA A 171 -8.85 3.99 -12.08
C ALA A 171 -8.61 5.47 -11.71
N THR A 172 -8.71 5.77 -10.42
CA THR A 172 -8.67 7.12 -9.90
C THR A 172 -7.38 7.49 -9.15
N GLN A 173 -6.37 6.61 -9.14
CA GLN A 173 -5.10 6.88 -8.44
C GLN A 173 -3.94 6.66 -9.41
N GLN A 174 -3.02 7.61 -9.46
CA GLN A 174 -1.85 7.58 -10.35
C GLN A 174 -2.16 6.99 -11.74
N ASP A 175 -3.19 7.57 -12.37
CA ASP A 175 -3.56 7.26 -13.76
C ASP A 175 -3.91 5.78 -14.01
N GLY A 176 -4.42 5.09 -12.99
CA GLY A 176 -4.81 3.69 -13.16
C GLY A 176 -3.67 2.68 -13.22
N ARG A 177 -2.48 3.10 -12.79
CA ARG A 177 -1.32 2.23 -12.78
C ARG A 177 -1.43 1.16 -11.68
N VAL A 178 -0.92 -0.03 -11.97
CA VAL A 178 -0.87 -1.11 -10.99
C VAL A 178 0.39 -0.95 -10.12
N VAL A 179 1.54 -0.80 -10.76
CA VAL A 179 2.76 -0.44 -10.03
C VAL A 179 2.78 1.07 -9.92
N THR A 180 2.71 1.57 -8.69
CA THR A 180 2.69 3.01 -8.42
C THR A 180 4.00 3.44 -7.78
N ASP A 181 4.16 4.75 -7.60
CA ASP A 181 5.39 5.32 -7.05
C ASP A 181 5.11 6.17 -5.83
N VAL A 182 6.02 6.08 -4.86
CA VAL A 182 6.03 6.92 -3.67
C VAL A 182 7.33 7.70 -3.69
N LEU A 183 7.22 9.01 -3.90
CA LEU A 183 8.39 9.90 -3.92
C LEU A 183 7.92 11.32 -3.62
N PRO A 184 8.80 12.16 -3.05
CA PRO A 184 8.39 13.52 -2.70
C PRO A 184 8.24 14.42 -3.92
N ILE A 185 7.10 15.10 -4.03
CA ILE A 185 6.86 16.03 -5.13
C ILE A 185 7.03 17.45 -4.62
N LYS A 186 7.91 18.20 -5.27
CA LYS A 186 8.20 19.59 -4.90
C LYS A 186 6.93 20.43 -4.97
N GLY A 187 6.67 21.20 -3.92
CA GLY A 187 5.41 21.93 -3.79
C GLY A 187 4.32 21.17 -3.06
N GLY A 188 4.47 19.85 -2.95
CA GLY A 188 3.46 19.00 -2.31
C GLY A 188 3.91 18.40 -0.99
N GLU A 189 4.71 19.16 -0.24
CA GLU A 189 5.30 18.69 1.00
C GLU A 189 4.28 18.50 2.11
N HIS A 190 3.24 19.34 2.11
CA HIS A 190 2.28 19.41 3.21
C HIS A 190 0.89 18.91 2.80
N THR A 191 0.85 17.87 1.97
CA THR A 191 -0.40 17.28 1.50
C THR A 191 -0.68 16.00 2.27
N LEU A 192 -1.85 15.41 2.03
CA LEU A 192 -2.26 14.17 2.69
C LEU A 192 -1.99 12.94 1.83
N VAL A 193 -1.19 13.10 0.77
CA VAL A 193 -0.92 12.00 -0.14
C VAL A 193 0.52 11.51 0.01
N SER A 194 0.83 10.39 -0.60
CA SER A 194 2.09 9.68 -0.34
C SER A 194 3.32 10.42 -0.89
N SER A 195 3.10 11.43 -1.73
CA SER A 195 4.17 12.29 -2.24
C SER A 195 4.48 13.48 -1.31
N SER A 196 3.88 13.49 -0.12
CA SER A 196 4.24 14.44 0.92
C SER A 196 5.63 14.14 1.47
N SER A 197 6.13 15.04 2.31
CA SER A 197 7.42 14.84 2.95
C SER A 197 7.46 15.54 4.30
N ARG A 198 7.46 16.87 4.27
CA ARG A 198 7.61 17.66 5.50
C ARG A 198 6.48 17.41 6.48
N GLN A 199 5.29 17.14 5.95
CA GLN A 199 4.16 16.70 6.77
C GLN A 199 4.12 15.18 6.82
N GLU A 200 4.07 14.65 8.03
CA GLU A 200 3.96 13.21 8.25
C GLU A 200 2.75 12.67 7.51
N LEU A 201 2.90 11.49 6.89
CA LEU A 201 1.77 10.81 6.28
C LEU A 201 1.09 10.04 7.40
N GLY A 202 -0.09 10.50 7.78
CA GLY A 202 -0.83 9.93 8.91
C GLY A 202 -1.19 8.47 8.70
N TRP A 203 -1.30 7.73 9.79
CA TRP A 203 -1.59 6.30 9.69
C TRP A 203 -2.93 6.04 9.02
N HIS A 204 -3.00 4.95 8.27
CA HIS A 204 -4.20 4.63 7.52
C HIS A 204 -4.22 3.16 7.10
N THR A 205 -5.43 2.63 6.98
CA THR A 205 -5.70 1.46 6.18
C THR A 205 -5.70 1.96 4.73
N GLU A 206 -4.97 1.29 3.86
CA GLU A 206 -4.91 1.69 2.45
C GLU A 206 -6.31 1.63 1.83
N ASP A 207 -6.72 2.73 1.20
CA ASP A 207 -8.02 2.83 0.53
C ASP A 207 -9.17 2.42 1.45
N ALA A 208 -9.11 2.91 2.67
CA ALA A 208 -10.03 2.52 3.73
C ALA A 208 -11.51 2.65 3.32
N PHE A 209 -11.81 3.68 2.53
CA PHE A 209 -13.18 3.93 2.08
C PHE A 209 -13.82 2.78 1.31
N SER A 210 -13.00 1.99 0.63
CA SER A 210 -13.48 1.01 -0.34
C SER A 210 -13.59 -0.40 0.22
N PRO A 211 -14.70 -1.09 -0.06
CA PRO A 211 -14.78 -2.51 0.29
C PRO A 211 -13.83 -3.38 -0.53
N TYR A 212 -13.21 -2.81 -1.57
CA TYR A 212 -12.30 -3.53 -2.45
C TYR A 212 -10.84 -3.18 -2.19
N ARG A 213 -10.58 -2.53 -1.05
CA ARG A 213 -9.21 -2.22 -0.63
C ARG A 213 -8.34 -3.47 -0.54
N ALA A 214 -7.03 -3.27 -0.68
CA ALA A 214 -6.09 -4.38 -0.71
C ALA A 214 -6.08 -5.17 0.59
N ASP A 215 -5.74 -6.46 0.46
CA ASP A 215 -5.39 -7.28 1.60
C ASP A 215 -3.93 -7.05 2.01
N TYR A 216 -3.07 -6.86 1.01
CA TYR A 216 -1.66 -6.55 1.25
C TYR A 216 -1.21 -5.37 0.41
N VAL A 217 -0.38 -4.51 1.00
CA VAL A 217 0.25 -3.41 0.28
C VAL A 217 1.74 -3.68 0.19
N GLY A 218 2.24 -3.80 -1.04
CA GLY A 218 3.66 -4.06 -1.26
C GLY A 218 4.43 -2.77 -1.48
N LEU A 219 5.57 -2.65 -0.81
CA LEU A 219 6.44 -1.48 -0.90
C LEU A 219 7.86 -1.94 -1.13
N LEU A 220 8.45 -1.54 -2.25
CA LEU A 220 9.85 -1.85 -2.51
C LEU A 220 10.63 -0.54 -2.49
N SER A 221 11.66 -0.50 -1.65
CA SER A 221 12.48 0.70 -1.48
C SER A 221 13.59 0.72 -2.54
N LEU A 222 13.44 1.61 -3.53
CA LEU A 222 14.46 1.82 -4.55
C LEU A 222 15.65 2.59 -3.97
N ARG A 223 15.36 3.57 -3.12
CA ARG A 223 16.38 4.23 -2.33
C ARG A 223 15.75 4.96 -1.14
N ASN A 224 16.52 5.10 -0.09
CA ASN A 224 16.08 5.72 1.14
C ASN A 224 17.35 6.07 1.93
N PRO A 225 18.17 6.99 1.38
CA PRO A 225 19.52 7.22 1.90
C PRO A 225 19.58 7.69 3.35
N ASP A 226 18.55 8.40 3.80
CA ASP A 226 18.50 8.98 5.14
C ASP A 226 17.64 8.16 6.11
N GLY A 227 17.19 6.98 5.67
CA GLY A 227 16.53 6.02 6.54
C GLY A 227 15.20 6.47 7.10
N VAL A 228 14.37 7.09 6.26
CA VAL A 228 13.05 7.56 6.67
C VAL A 228 12.16 6.36 6.96
N ALA A 229 11.48 6.39 8.12
CA ALA A 229 10.71 5.26 8.60
C ALA A 229 9.27 5.23 8.04
N THR A 230 8.84 4.03 7.67
CA THR A 230 7.43 3.72 7.49
C THR A 230 6.90 3.48 8.90
N THR A 231 5.67 3.91 9.16
CA THR A 231 5.06 3.69 10.47
C THR A 231 4.01 2.59 10.38
N LEU A 232 3.83 1.85 11.46
CA LEU A 232 2.88 0.74 11.54
C LEU A 232 2.22 0.69 12.91
N ALA A 233 0.97 0.21 12.95
CA ALA A 233 0.31 -0.09 14.22
C ALA A 233 -0.76 -1.15 13.99
N GLY A 234 -0.87 -2.08 14.93
CA GLY A 234 -1.95 -3.06 14.92
C GLY A 234 -3.11 -2.58 15.76
N VAL A 235 -4.12 -3.43 15.91
CA VAL A 235 -5.26 -3.12 16.77
C VAL A 235 -4.75 -3.09 18.21
N PRO A 236 -5.02 -1.98 18.95
CA PRO A 236 -4.54 -1.89 20.33
C PRO A 236 -5.40 -2.70 21.30
N LEU A 237 -5.40 -4.01 21.09
CA LEU A 237 -6.32 -4.91 21.78
C LEU A 237 -6.03 -5.01 23.28
N ASP A 238 -4.78 -4.77 23.67
CA ASP A 238 -4.39 -4.77 25.08
C ASP A 238 -4.99 -3.60 25.89
N ASP A 239 -5.47 -2.56 25.21
CA ASP A 239 -5.97 -1.35 25.89
C ASP A 239 -7.44 -0.98 25.60
N LEU A 240 -8.06 -1.61 24.60
CA LEU A 240 -9.46 -1.34 24.29
C LEU A 240 -10.38 -2.07 25.26
N ASP A 241 -11.15 -1.32 26.04
CA ASP A 241 -12.16 -1.93 26.90
C ASP A 241 -13.30 -2.49 26.04
N GLU A 242 -14.08 -3.40 26.62
CA GLU A 242 -15.05 -4.17 25.83
C GLU A 242 -16.20 -3.33 25.29
N ARG A 243 -16.60 -2.30 26.03
CA ARG A 243 -17.65 -1.39 25.59
C ARG A 243 -17.20 -0.63 24.33
N THR A 244 -15.98 -0.09 24.38
CA THR A 244 -15.38 0.60 23.25
C THR A 244 -15.23 -0.35 22.07
N LEU A 245 -14.73 -1.55 22.35
CA LEU A 245 -14.59 -2.59 21.33
C LEU A 245 -15.93 -2.89 20.66
N ASP A 246 -16.98 -3.08 21.47
CA ASP A 246 -18.35 -3.29 20.97
C ASP A 246 -18.76 -2.22 19.96
N VAL A 247 -18.51 -0.96 20.30
CA VAL A 247 -18.94 0.15 19.46
C VAL A 247 -18.14 0.18 18.15
N LEU A 248 -16.85 -0.11 18.21
CA LEU A 248 -16.01 -0.14 17.00
C LEU A 248 -16.42 -1.25 16.02
N PHE A 249 -17.04 -2.32 16.55
CA PHE A 249 -17.58 -3.39 15.72
C PHE A 249 -18.94 -3.06 15.07
N GLN A 250 -19.55 -1.94 15.45
CA GLN A 250 -20.85 -1.54 14.90
C GLN A 250 -20.68 -0.59 13.72
N GLU A 251 -21.68 -0.57 12.84
CA GLU A 251 -21.62 0.23 11.61
C GLU A 251 -22.01 1.68 11.90
N ARG A 252 -21.09 2.38 12.54
CA ARG A 252 -21.36 3.71 13.10
C ARG A 252 -20.28 4.73 12.75
N PHE A 253 -19.53 4.47 11.67
CA PHE A 253 -18.41 5.32 11.27
C PHE A 253 -18.44 5.62 9.79
N LEU A 254 -17.92 6.79 9.43
CA LEU A 254 -17.83 7.23 8.05
C LEU A 254 -16.37 7.24 7.65
N ILE A 255 -16.07 6.65 6.49
CA ILE A 255 -14.71 6.64 5.97
C ILE A 255 -14.76 7.10 4.52
N ARG A 256 -14.18 8.27 4.27
CA ARG A 256 -14.22 8.91 2.95
C ARG A 256 -12.94 8.61 2.18
N PRO A 257 -12.99 8.68 0.84
CA PRO A 257 -11.79 8.42 0.06
C PRO A 257 -10.72 9.47 0.29
N ASP A 258 -9.47 9.05 0.36
CA ASP A 258 -8.36 9.97 0.56
C ASP A 258 -8.08 10.78 -0.71
N ASP A 259 -7.25 11.81 -0.56
CA ASP A 259 -7.01 12.78 -1.64
C ASP A 259 -6.28 12.24 -2.87
N SER A 260 -5.67 11.04 -2.77
CA SER A 260 -5.01 10.45 -3.93
C SER A 260 -6.02 10.10 -5.04
N HIS A 261 -7.30 9.99 -4.68
CA HIS A 261 -8.36 9.69 -5.65
C HIS A 261 -9.04 10.93 -6.24
N LEU A 262 -8.52 12.12 -5.94
CA LEU A 262 -9.03 13.36 -6.52
C LEU A 262 -8.48 13.57 -7.92
N GLN A 263 -9.28 14.21 -8.77
CA GLN A 263 -8.87 14.50 -10.14
C GLN A 263 -7.58 15.32 -10.20
N VAL A 264 -7.41 16.25 -9.25
CA VAL A 264 -6.22 17.10 -9.20
C VAL A 264 -4.91 16.33 -9.01
N ASN A 265 -5.00 15.13 -8.42
CA ASN A 265 -3.82 14.28 -8.23
C ASN A 265 -3.68 13.20 -9.29
N ASN A 266 -4.40 13.35 -10.41
CA ASN A 266 -4.20 12.54 -11.59
C ASN A 266 -3.94 13.44 -12.79
N SER A 267 -3.44 12.85 -13.86
CA SER A 267 -3.08 13.63 -15.06
C SER A 267 -4.32 14.19 -15.74
N THR A 268 -4.15 15.36 -16.37
CA THR A 268 -5.26 16.10 -16.97
C THR A 268 -6.06 15.31 -18.02
N ALA A 269 -5.43 14.31 -18.63
CA ALA A 269 -6.11 13.43 -19.58
C ALA A 269 -7.17 12.54 -18.92
N GLN A 270 -7.02 12.28 -17.62
CA GLN A 270 -7.84 11.29 -16.90
C GLN A 270 -9.06 11.88 -16.17
N GLN A 271 -9.36 13.16 -16.37
CA GLN A 271 -10.15 13.92 -15.38
C GLN A 271 -11.70 13.91 -15.38
N GLY A 272 -12.44 13.40 -16.38
CA GLY A 272 -11.97 12.55 -17.46
C GLY A 272 -12.74 11.24 -17.37
N ARG A 273 -12.30 10.38 -16.46
CA ARG A 273 -12.89 9.05 -16.28
C ARG A 273 -14.19 9.08 -15.47
N VAL A 274 -15.08 8.14 -15.78
CA VAL A 274 -16.34 7.99 -15.05
C VAL A 274 -16.12 7.54 -13.61
N GLU A 275 -14.98 6.89 -13.33
CA GLU A 275 -14.71 6.35 -11.99
C GLU A 275 -14.55 7.43 -10.91
N PHE A 276 -14.25 8.66 -11.32
CA PHE A 276 -14.20 9.77 -10.35
C PHE A 276 -15.58 10.10 -9.77
N GLU A 277 -16.64 9.73 -10.49
CA GLU A 277 -18.01 9.88 -10.00
C GLU A 277 -18.24 9.08 -8.72
N GLY A 278 -17.76 7.84 -8.71
CA GLY A 278 -17.89 6.97 -7.54
C GLY A 278 -17.13 7.50 -6.33
N ILE A 279 -15.98 8.10 -6.58
CA ILE A 279 -15.19 8.73 -5.54
C ILE A 279 -15.98 9.89 -4.92
N ALA A 280 -16.57 10.73 -5.78
CA ALA A 280 -17.40 11.83 -5.32
C ALA A 280 -18.58 11.33 -4.47
N GLN A 281 -19.23 10.26 -4.90
CA GLN A 281 -20.33 9.66 -4.15
C GLN A 281 -19.89 9.20 -2.76
N ALA A 282 -18.73 8.56 -2.70
CA ALA A 282 -18.18 8.07 -1.43
C ALA A 282 -17.75 9.21 -0.50
N ALA A 283 -17.32 10.33 -1.07
CA ALA A 283 -16.95 11.51 -0.30
C ALA A 283 -18.17 12.29 0.18
N ASP A 284 -19.18 12.41 -0.68
CA ASP A 284 -20.37 13.22 -0.37
C ASP A 284 -21.39 12.47 0.48
N ARG A 285 -21.57 11.17 0.21
CA ARG A 285 -22.58 10.36 0.90
C ARG A 285 -21.98 9.03 1.39
N PRO A 286 -21.05 9.10 2.35
CA PRO A 286 -20.45 7.87 2.85
C PRO A 286 -21.45 7.02 3.64
N GLU A 287 -21.42 5.71 3.42
CA GLU A 287 -22.29 4.77 4.13
C GLU A 287 -21.65 4.42 5.47
N PRO A 288 -22.43 4.44 6.57
CA PRO A 288 -21.85 4.02 7.84
C PRO A 288 -21.31 2.60 7.78
N VAL A 289 -20.09 2.41 8.30
CA VAL A 289 -19.43 1.10 8.32
C VAL A 289 -18.75 0.89 9.67
N ALA A 290 -18.34 -0.34 9.94
CA ALA A 290 -17.59 -0.65 11.16
C ALA A 290 -16.11 -0.38 10.97
N ILE A 291 -15.42 -0.08 12.06
CA ILE A 291 -13.96 0.01 12.04
C ILE A 291 -13.34 -1.37 12.28
N LEU A 292 -13.88 -2.14 13.21
CA LEU A 292 -13.39 -3.51 13.46
C LEU A 292 -14.38 -4.54 12.93
N THR A 293 -13.83 -5.64 12.41
CA THR A 293 -14.63 -6.76 11.92
C THR A 293 -13.99 -8.09 12.30
N GLY A 294 -14.79 -9.16 12.17
CA GLY A 294 -14.34 -10.52 12.38
C GLY A 294 -14.22 -10.92 13.83
N HIS A 295 -13.09 -11.54 14.17
CA HIS A 295 -12.88 -12.15 15.47
C HIS A 295 -12.57 -11.10 16.52
N ARG A 296 -13.32 -11.09 17.62
CA ARG A 296 -13.10 -10.10 18.68
C ARG A 296 -11.71 -10.22 19.33
N ALA A 297 -11.13 -11.42 19.32
CA ALA A 297 -9.79 -11.66 19.87
C ALA A 297 -8.66 -11.34 18.88
N ALA A 298 -9.00 -11.12 17.61
CA ALA A 298 -8.01 -10.75 16.60
C ALA A 298 -8.70 -10.00 15.47
N PRO A 299 -9.20 -8.77 15.75
CA PRO A 299 -10.04 -8.07 14.78
C PRO A 299 -9.30 -7.56 13.56
N HIS A 300 -10.01 -7.43 12.45
CA HIS A 300 -9.49 -6.73 11.29
C HIS A 300 -9.89 -5.27 11.39
N LEU A 301 -9.08 -4.42 10.78
CA LEU A 301 -9.06 -2.98 11.06
C LEU A 301 -9.30 -2.21 9.77
N ARG A 302 -10.18 -1.21 9.84
CA ARG A 302 -10.49 -0.36 8.70
C ARG A 302 -10.67 1.07 9.19
N VAL A 303 -9.63 1.88 9.05
CA VAL A 303 -9.66 3.24 9.56
C VAL A 303 -8.58 4.10 8.90
N ASP A 304 -8.85 5.39 8.82
CA ASP A 304 -7.89 6.35 8.30
C ASP A 304 -7.96 7.57 9.21
N GLY A 305 -6.86 7.88 9.87
CA GLY A 305 -6.78 8.99 10.81
C GLY A 305 -7.29 10.32 10.28
N ASP A 306 -7.04 10.60 9.00
CA ASP A 306 -7.40 11.88 8.40
C ASP A 306 -8.72 11.87 7.61
N PHE A 307 -9.25 10.68 7.33
CA PHE A 307 -10.47 10.57 6.52
C PHE A 307 -11.61 9.80 7.17
N SER A 308 -11.47 9.47 8.46
CA SER A 308 -12.53 8.81 9.22
C SER A 308 -13.28 9.81 10.08
N ALA A 309 -14.54 9.49 10.36
CA ALA A 309 -15.38 10.30 11.21
C ALA A 309 -16.45 9.42 11.85
N PRO A 310 -17.06 9.89 12.94
CA PRO A 310 -18.22 9.17 13.45
C PRO A 310 -19.43 9.43 12.57
N ALA A 311 -20.41 8.54 12.62
CA ALA A 311 -21.70 8.80 11.99
C ALA A 311 -22.29 10.08 12.56
N GLU A 312 -23.06 10.79 11.75
CA GLU A 312 -23.66 12.09 12.10
C GLU A 312 -24.26 12.13 13.52
N GLY A 313 -23.65 12.91 14.40
CA GLY A 313 -24.16 13.10 15.76
C GLY A 313 -24.08 11.91 16.70
N ASP A 314 -23.36 10.87 16.31
CA ASP A 314 -23.21 9.66 17.12
C ASP A 314 -22.02 9.85 18.06
N GLU A 315 -22.28 10.37 19.26
CA GLU A 315 -21.22 10.76 20.18
C GLU A 315 -20.52 9.56 20.85
N GLU A 316 -21.26 8.46 21.00
CA GLU A 316 -20.67 7.22 21.52
C GLU A 316 -19.67 6.63 20.52
N ALA A 317 -20.06 6.61 19.24
CA ALA A 317 -19.14 6.22 18.17
C ALA A 317 -17.94 7.14 18.15
N ALA A 318 -18.17 8.44 18.30
CA ALA A 318 -17.09 9.43 18.31
C ALA A 318 -16.10 9.16 19.44
N ALA A 319 -16.62 8.87 20.63
CA ALA A 319 -15.78 8.54 21.78
C ALA A 319 -14.89 7.34 21.49
N ALA A 320 -15.46 6.31 20.86
CA ALA A 320 -14.73 5.10 20.51
C ALA A 320 -13.62 5.40 19.50
N LEU A 321 -13.94 6.18 18.48
CA LEU A 321 -12.94 6.59 17.48
C LEU A 321 -11.84 7.44 18.12
N GLY A 322 -12.22 8.37 18.99
CA GLY A 322 -11.25 9.20 19.70
C GLY A 322 -10.30 8.39 20.55
N THR A 323 -10.84 7.40 21.25
CA THR A 323 -10.03 6.49 22.06
C THR A 323 -9.07 5.69 21.17
N LEU A 324 -9.61 5.17 20.07
CA LEU A 324 -8.79 4.42 19.10
C LEU A 324 -7.64 5.26 18.56
N ARG A 325 -7.91 6.52 18.21
CA ARG A 325 -6.86 7.43 17.72
C ARG A 325 -5.70 7.51 18.69
N LYS A 326 -6.02 7.77 19.96
CA LYS A 326 -5.00 7.93 20.99
C LYS A 326 -4.22 6.65 21.20
N LEU A 327 -4.89 5.51 21.17
CA LEU A 327 -4.22 4.22 21.37
C LEU A 327 -3.34 3.84 20.18
N ILE A 328 -3.79 4.15 18.96
CA ILE A 328 -2.96 3.92 17.78
C ILE A 328 -1.76 4.87 17.76
N ASP A 329 -2.00 6.15 18.03
CA ASP A 329 -0.90 7.13 18.13
C ASP A 329 0.15 6.64 19.12
N ALA A 330 -0.29 6.10 20.26
CA ALA A 330 0.61 5.67 21.32
C ALA A 330 1.39 4.40 21.01
N SER A 331 0.86 3.54 20.14
CA SER A 331 1.48 2.26 19.83
C SER A 331 2.18 2.23 18.46
N LEU A 332 2.13 3.35 17.74
CA LEU A 332 2.74 3.44 16.41
C LEU A 332 4.23 3.14 16.52
N TYR A 333 4.75 2.29 15.63
CA TYR A 333 6.18 1.97 15.62
C TYR A 333 6.76 2.12 14.22
N GLU A 334 8.08 2.02 14.12
CA GLU A 334 8.81 2.32 12.90
C GLU A 334 9.42 1.09 12.24
N LEU A 335 9.30 1.04 10.91
CA LEU A 335 9.97 0.06 10.07
C LEU A 335 10.71 0.85 9.01
N VAL A 336 12.04 0.77 8.99
CA VAL A 336 12.83 1.47 7.97
C VAL A 336 13.11 0.53 6.81
N LEU A 337 12.56 0.87 5.65
CA LEU A 337 12.83 0.13 4.42
C LEU A 337 14.08 0.71 3.76
N ASP A 338 15.21 0.06 4.01
CA ASP A 338 16.45 0.46 3.38
C ASP A 338 16.40 0.07 1.91
N GLN A 339 17.28 0.69 1.12
CA GLN A 339 17.39 0.37 -0.29
C GLN A 339 17.40 -1.14 -0.52
N GLY A 340 16.47 -1.61 -1.35
CA GLY A 340 16.37 -3.02 -1.67
C GLY A 340 15.40 -3.81 -0.81
N ASP A 341 14.95 -3.22 0.30
CA ASP A 341 13.99 -3.90 1.17
C ASP A 341 12.59 -3.84 0.58
N VAL A 342 11.83 -4.92 0.75
CA VAL A 342 10.44 -4.98 0.33
C VAL A 342 9.58 -5.34 1.53
N ALA A 343 8.46 -4.64 1.70
CA ALA A 343 7.49 -4.99 2.74
C ALA A 343 6.14 -5.23 2.12
N PHE A 344 5.45 -6.26 2.61
CA PHE A 344 4.06 -6.50 2.29
C PHE A 344 3.27 -6.34 3.57
N ILE A 345 2.61 -5.19 3.68
CA ILE A 345 1.88 -4.84 4.89
C ILE A 345 0.52 -5.50 4.86
N ASP A 346 0.16 -6.16 5.96
CA ASP A 346 -1.17 -6.75 6.09
C ASP A 346 -2.17 -5.62 6.37
N ASN A 347 -2.95 -5.29 5.34
CA ASN A 347 -3.84 -4.13 5.36
C ASN A 347 -5.11 -4.35 6.19
N ARG A 348 -5.30 -5.57 6.70
CA ARG A 348 -6.39 -5.87 7.64
C ARG A 348 -5.95 -5.86 9.10
N ARG A 349 -4.69 -6.21 9.36
CA ARG A 349 -4.17 -6.25 10.73
C ARG A 349 -3.55 -4.94 11.18
N ALA A 350 -3.09 -4.12 10.23
CA ALA A 350 -2.33 -2.94 10.59
C ALA A 350 -2.70 -1.74 9.75
N VAL A 351 -2.55 -0.57 10.36
CA VAL A 351 -2.52 0.70 9.63
C VAL A 351 -1.05 1.06 9.44
N HIS A 352 -0.77 1.92 8.48
CA HIS A 352 0.61 2.33 8.21
C HIS A 352 0.65 3.78 7.76
N GLY A 353 1.84 4.36 7.82
CA GLY A 353 2.08 5.73 7.38
C GLY A 353 3.55 5.93 7.10
N ARG A 354 3.99 7.18 7.17
CA ARG A 354 5.39 7.51 6.91
C ARG A 354 5.77 8.75 7.70
N ARG A 355 6.92 8.71 8.36
CA ARG A 355 7.39 9.83 9.16
C ARG A 355 7.63 11.07 8.31
N ALA A 356 7.47 12.24 8.93
CA ALA A 356 7.86 13.48 8.28
C ALA A 356 9.36 13.42 7.98
N PHE A 357 9.74 13.96 6.83
CA PHE A 357 11.14 14.10 6.46
C PHE A 357 11.36 15.35 5.63
N GLN A 358 12.58 15.87 5.66
CA GLN A 358 12.97 17.01 4.85
C GLN A 358 13.38 16.49 3.47
N PRO A 359 12.62 16.86 2.42
CA PRO A 359 13.00 16.39 1.09
C PRO A 359 14.31 17.02 0.61
N ARG A 360 15.00 16.32 -0.28
CA ARG A 360 16.28 16.77 -0.81
C ARG A 360 16.09 17.56 -2.10
N TYR A 361 15.35 16.98 -3.04
CA TYR A 361 15.17 17.50 -4.40
C TYR A 361 16.47 17.67 -5.18
N ASP A 362 17.44 16.79 -4.89
CA ASP A 362 18.75 16.81 -5.55
C ASP A 362 18.97 15.61 -6.48
N GLY A 363 17.92 14.81 -6.67
CA GLY A 363 18.02 13.59 -7.48
C GLY A 363 18.21 12.31 -6.71
N ARG A 364 18.38 12.40 -5.39
CA ARG A 364 18.56 11.19 -4.57
C ARG A 364 17.51 11.06 -3.45
N ASP A 365 16.33 11.63 -3.67
CA ASP A 365 15.23 11.46 -2.72
C ASP A 365 14.80 10.01 -2.59
N ARG A 366 14.31 9.69 -1.39
CA ARG A 366 13.60 8.46 -1.11
C ARG A 366 12.54 8.16 -2.17
N TRP A 367 12.48 6.88 -2.57
CA TRP A 367 11.66 6.46 -3.68
C TRP A 367 11.25 5.01 -3.48
N LEU A 368 9.94 4.76 -3.47
CA LEU A 368 9.40 3.41 -3.40
C LEU A 368 8.56 3.10 -4.61
N LYS A 369 8.57 1.84 -5.04
CA LYS A 369 7.55 1.30 -5.90
C LYS A 369 6.51 0.64 -5.02
N ARG A 370 5.24 0.73 -5.40
CA ARG A 370 4.14 0.25 -4.57
C ARG A 370 3.14 -0.54 -5.41
N ILE A 371 2.50 -1.52 -4.79
CA ILE A 371 1.49 -2.31 -5.47
C ILE A 371 0.42 -2.80 -4.48
N ASN A 372 -0.84 -2.74 -4.90
CA ASN A 372 -1.97 -3.25 -4.12
C ASN A 372 -2.25 -4.71 -4.48
N ILE A 373 -2.54 -5.53 -3.48
CA ILE A 373 -2.75 -6.97 -3.68
C ILE A 373 -4.02 -7.41 -2.97
N THR A 374 -4.87 -8.14 -3.70
CA THR A 374 -6.05 -8.76 -3.10
C THR A 374 -5.91 -10.28 -3.16
N ARG A 375 -6.43 -10.95 -2.15
CA ARG A 375 -6.49 -12.41 -2.17
C ARG A 375 -7.52 -12.93 -3.16
N ASP A 376 -8.46 -12.10 -3.59
CA ASP A 376 -9.49 -12.54 -4.52
C ASP A 376 -10.03 -11.39 -5.36
N LEU A 377 -9.58 -11.33 -6.61
CA LEU A 377 -10.01 -10.31 -7.56
C LEU A 377 -11.53 -10.28 -7.78
N HIS A 378 -12.19 -11.42 -7.63
CA HIS A 378 -13.63 -11.51 -7.88
C HIS A 378 -14.47 -10.81 -6.82
N ARG A 379 -13.89 -10.54 -5.66
CA ARG A 379 -14.54 -9.73 -4.63
C ARG A 379 -14.90 -8.33 -5.16
N SER A 380 -14.10 -7.82 -6.10
CA SER A 380 -14.26 -6.46 -6.61
C SER A 380 -14.95 -6.37 -7.98
N ARG A 381 -15.63 -7.42 -8.41
CA ARG A 381 -16.13 -7.47 -9.79
C ARG A 381 -17.09 -6.31 -10.15
N LYS A 382 -17.81 -5.79 -9.15
CA LYS A 382 -18.65 -4.60 -9.35
C LYS A 382 -17.83 -3.39 -9.79
N ALA A 383 -16.57 -3.33 -9.33
CA ALA A 383 -15.67 -2.22 -9.63
C ALA A 383 -14.71 -2.49 -10.79
N TRP A 384 -14.85 -3.63 -11.47
CA TRP A 384 -14.06 -3.92 -12.66
C TRP A 384 -14.40 -2.91 -13.74
N ALA A 385 -13.56 -1.88 -13.86
CA ALA A 385 -13.83 -0.74 -14.75
C ALA A 385 -13.37 -1.03 -16.18
N GLY A 386 -14.11 -1.87 -16.89
CA GLY A 386 -13.73 -2.33 -18.22
C GLY A 386 -12.39 -3.06 -18.21
N ASP A 387 -12.00 -3.51 -17.02
CA ASP A 387 -10.64 -3.97 -16.75
C ASP A 387 -10.67 -4.48 -15.32
N SER A 388 -10.44 -5.77 -15.15
CA SER A 388 -10.50 -6.38 -13.82
C SER A 388 -9.37 -5.93 -12.88
N ARG A 389 -8.31 -5.35 -13.46
CA ARG A 389 -7.11 -5.00 -12.68
C ARG A 389 -7.01 -3.50 -12.35
N VAL A 390 -7.97 -2.70 -12.83
CA VAL A 390 -8.02 -1.27 -12.54
C VAL A 390 -9.43 -0.92 -12.05
N LEU A 391 -9.57 -0.69 -10.74
CA LEU A 391 -10.88 -0.64 -10.11
C LEU A 391 -11.50 0.75 -10.02
N GLY A 392 -12.83 0.80 -10.13
CA GLY A 392 -13.58 2.04 -9.94
C GLY A 392 -15.04 1.88 -10.34
N GLN A 393 -15.85 2.86 -9.94
CA GLN A 393 -17.30 2.80 -10.12
C GLN A 393 -17.87 4.16 -10.48
N ARG A 394 -19.01 4.13 -11.17
CA ARG A 394 -19.86 5.30 -11.33
C ARG A 394 -20.49 5.66 -9.99
C1 SIN B . 5.76 4.96 2.93
O1 SIN B . 6.65 4.32 3.56
O2 SIN B . 6.04 5.96 2.24
C2 SIN B . 4.33 4.49 3.05
C3 SIN B . 3.53 4.77 1.78
C4 SIN B . 2.09 4.34 1.94
O3 SIN B . 1.59 3.55 1.11
O4 SIN B . 1.42 4.80 2.89
N ARG C . -3.08 6.17 0.06
CA ARG C . -2.72 7.61 0.01
C ARG C . -1.72 7.92 -1.10
O ARG C . -1.12 7.05 -1.73
CB ARG C . -2.08 8.07 1.32
CG ARG C . -2.88 7.80 2.58
CD ARG C . -4.11 8.65 2.69
NE ARG C . -4.51 8.77 4.10
CZ ARG C . -4.00 9.66 4.95
NH1 ARG C . -3.10 10.57 4.57
NH2 ARG C . -4.41 9.65 6.21
OXT ARG C . -1.47 9.10 -1.35
O1 VVO D . -0.75 5.28 1.03
V1 VVO D . -0.43 3.91 2.25
#